data_1ORS
#
_entry.id   1ORS
#
_cell.length_a   264.710
_cell.length_b   61.600
_cell.length_c   46.060
_cell.angle_alpha   90.00
_cell.angle_beta   90.35
_cell.angle_gamma   90.00
#
_symmetry.space_group_name_H-M   'C 1 2 1'
#
loop_
_entity.id
_entity.type
_entity.pdbx_description
1 polymer '33H1 Fab light chain'
2 polymer '33H1 Fab heavy chain'
3 polymer 'potassium channel'
4 water water
#
loop_
_entity_poly.entity_id
_entity_poly.type
_entity_poly.pdbx_seq_one_letter_code
_entity_poly.pdbx_strand_id
1 'polypeptide(L)'
;QIVLTQSPAIMSASLGDRVTMTCTASSSVSSSYLHWYQQKPGSSPKLWIYSTSNLASGVPARFSGSGSGTSYSLTISSME
AEDAATYYCHQFHRSLTFGSGTKLEIKRADAAPTVSIFPPSSEQLTSGGASVVCFLNNFYPKDINVKWKIDGSERQNGVL
NSWTDQDSKDSTYSMSSTLTLTKDEYERHNSYTCEATHKTSTSPIVKSFNRNEC
;
A
2 'polypeptide(L)'
;DVQLQESGPGLVKPSQSLSLTCTVTGYSITNNYAWNWIRQFPGNKLEWMGYINYSGTTSYNPSLKSRISITRDTSKNQFF
LQLNSVTTEDTATYFCVRGYDYFAMDYWGQGTSVTVSSAKTTPPSVYPLAPGSAAQTNSMVTLGCLVKGYFPEPVTVTWN
SGSLSSGVHTFPAVLQSDLYTLSSSVTVPSSTWPSETVTCNVAHPASSTKVDKKIVPRDCG
;
B
3 'polypeptide(L)'
;DVMEHPLVELGVSYAALLSVIVVVVEYTMQLSGEYLVRLYLVDLILVIILWADYAYRAYKSGDPAGYVKKTLYEIPALVP
AGLLALIEGHLAGLGLFRLVRLLRFLRILLIISRGSKFLSAIADAADKLVPR
;
C
#
# COMPACT_ATOMS: atom_id res chain seq x y z
N GLN A 1 8.53 14.63 5.79
CA GLN A 1 8.71 15.27 4.43
C GLN A 1 10.02 14.84 3.78
N ILE A 2 10.81 14.09 4.54
CA ILE A 2 12.09 13.66 4.02
C ILE A 2 11.91 12.61 2.93
N VAL A 3 12.92 12.47 2.07
CA VAL A 3 12.88 11.51 0.97
C VAL A 3 13.73 10.29 1.34
N LEU A 4 13.18 9.10 1.13
CA LEU A 4 13.89 7.86 1.42
C LEU A 4 14.30 7.19 0.12
N THR A 5 15.61 7.14 -0.11
CA THR A 5 16.14 6.52 -1.31
C THR A 5 16.69 5.15 -0.96
N GLN A 6 16.11 4.12 -1.57
CA GLN A 6 16.56 2.76 -1.32
C GLN A 6 17.48 2.24 -2.42
N SER A 7 18.50 1.50 -1.99
CA SER A 7 19.46 0.93 -2.92
C SER A 7 19.90 -0.46 -2.44
N PRO A 8 20.14 -1.38 -3.39
CA PRO A 8 20.01 -1.17 -4.83
C PRO A 8 18.51 -1.12 -5.13
N ALA A 9 18.13 -0.62 -6.30
CA ALA A 9 16.71 -0.60 -6.66
C ALA A 9 16.26 -2.05 -6.94
N ILE A 10 17.13 -2.78 -7.62
CA ILE A 10 16.88 -4.17 -7.97
C ILE A 10 18.20 -4.90 -7.76
N MET A 11 18.13 -6.08 -7.16
CA MET A 11 19.33 -6.88 -6.91
C MET A 11 18.94 -8.36 -6.90
N SER A 12 19.91 -9.22 -7.16
CA SER A 12 19.66 -10.64 -7.18
C SER A 12 20.72 -11.31 -6.32
N ALA A 13 20.33 -12.34 -5.60
CA ALA A 13 21.27 -13.03 -4.74
C ALA A 13 21.02 -14.53 -4.84
N SER A 14 22.08 -15.30 -4.70
CA SER A 14 21.96 -16.76 -4.74
C SER A 14 21.44 -17.23 -3.39
N LEU A 15 20.65 -18.29 -3.40
CA LEU A 15 20.13 -18.83 -2.16
C LEU A 15 21.34 -19.12 -1.28
N GLY A 16 21.28 -18.68 -0.02
CA GLY A 16 22.40 -18.89 0.89
C GLY A 16 23.33 -17.70 1.00
N ASP A 17 23.19 -16.73 0.09
CA ASP A 17 24.04 -15.52 0.10
C ASP A 17 23.61 -14.53 1.17
N ARG A 18 24.57 -13.75 1.66
CA ARG A 18 24.27 -12.70 2.63
C ARG A 18 23.69 -11.58 1.78
N VAL A 19 22.63 -10.94 2.26
CA VAL A 19 21.99 -9.86 1.53
C VAL A 19 21.87 -8.60 2.36
N THR A 20 22.28 -7.46 1.81
CA THR A 20 22.16 -6.19 2.51
C THR A 20 21.57 -5.14 1.59
N MET A 21 20.59 -4.40 2.10
CA MET A 21 19.96 -3.34 1.31
C MET A 21 19.92 -2.10 2.19
N THR A 22 19.98 -0.93 1.56
CA THR A 22 20.04 0.31 2.32
C THR A 22 18.89 1.29 2.07
N CYS A 23 18.58 2.06 3.11
CA CYS A 23 17.57 3.08 3.08
C CYS A 23 18.28 4.37 3.48
N THR A 24 18.42 5.31 2.54
CA THR A 24 19.10 6.56 2.83
C THR A 24 18.12 7.74 2.83
N ALA A 25 18.10 8.46 3.95
CA ALA A 25 17.18 9.59 4.09
C ALA A 25 17.82 10.95 3.78
N SER A 26 17.02 11.85 3.20
CA SER A 26 17.51 13.18 2.84
C SER A 26 17.87 13.99 4.09
N SER A 27 17.21 13.69 5.20
CA SER A 27 17.45 14.35 6.48
C SER A 27 17.38 13.29 7.57
N SER A 28 17.93 13.59 8.73
CA SER A 28 17.94 12.66 9.85
C SER A 28 16.54 12.20 10.25
N VAL A 29 16.42 10.89 10.48
CA VAL A 29 15.15 10.27 10.90
C VAL A 29 15.34 9.63 12.26
N SER A 30 14.36 9.78 13.15
CA SER A 30 14.45 9.16 14.47
C SER A 30 14.32 7.65 14.32
N SER A 31 15.24 6.91 14.94
CA SER A 31 15.26 5.46 14.85
C SER A 31 13.95 4.76 15.24
N SER A 32 13.17 5.37 16.12
CA SER A 32 11.91 4.74 16.53
C SER A 32 10.87 4.76 15.41
N TYR A 33 11.02 5.65 14.44
CA TYR A 33 10.03 5.72 13.36
C TYR A 33 10.43 5.10 12.03
N LEU A 34 11.57 4.42 11.98
CA LEU A 34 12.02 3.80 10.73
C LEU A 34 11.58 2.34 10.71
N HIS A 35 10.68 2.01 9.80
CA HIS A 35 10.15 0.65 9.70
C HIS A 35 10.36 0.07 8.30
N TRP A 36 10.41 -1.25 8.22
CA TRP A 36 10.57 -1.97 6.95
C TRP A 36 9.36 -2.88 6.68
N TYR A 37 9.01 -3.02 5.41
CA TYR A 37 7.89 -3.86 5.00
C TYR A 37 8.32 -4.79 3.87
N GLN A 38 7.70 -5.97 3.81
CA GLN A 38 8.00 -6.91 2.76
C GLN A 38 6.73 -7.09 1.95
N GLN A 39 6.84 -7.03 0.62
CA GLN A 39 5.66 -7.22 -0.22
C GLN A 39 5.94 -8.13 -1.40
N LYS A 40 5.01 -9.05 -1.63
CA LYS A 40 5.13 -9.96 -2.75
C LYS A 40 3.99 -9.63 -3.69
N PRO A 41 4.22 -9.77 -5.01
CA PRO A 41 3.19 -9.47 -6.01
C PRO A 41 1.84 -10.13 -5.72
N GLY A 42 0.78 -9.34 -5.79
CA GLY A 42 -0.56 -9.86 -5.55
C GLY A 42 -1.09 -9.68 -4.13
N SER A 43 -0.22 -9.34 -3.19
CA SER A 43 -0.62 -9.17 -1.80
C SER A 43 -0.20 -7.82 -1.24
N SER A 44 -0.78 -7.45 -0.11
CA SER A 44 -0.44 -6.19 0.54
C SER A 44 0.89 -6.29 1.29
N PRO A 45 1.56 -5.15 1.52
CA PRO A 45 2.83 -5.17 2.24
C PRO A 45 2.60 -5.68 3.67
N LYS A 46 3.64 -6.27 4.25
CA LYS A 46 3.57 -6.78 5.60
C LYS A 46 4.63 -6.11 6.48
N LEU A 47 4.26 -5.69 7.68
CA LEU A 47 5.24 -5.08 8.58
C LEU A 47 6.29 -6.14 8.79
N TRP A 48 7.55 -5.79 8.58
CA TRP A 48 8.63 -6.76 8.70
C TRP A 48 9.59 -6.44 9.85
N ILE A 49 10.03 -5.20 9.93
CA ILE A 49 10.92 -4.76 11.01
C ILE A 49 10.43 -3.39 11.45
N TYR A 50 10.23 -3.19 12.76
CA TYR A 50 9.77 -1.88 13.19
C TYR A 50 10.81 -1.22 14.09
N SER A 51 10.75 0.11 14.14
CA SER A 51 11.66 0.90 14.95
C SER A 51 13.11 0.48 14.75
N THR A 52 13.51 0.46 13.48
CA THR A 52 14.87 0.13 13.05
C THR A 52 15.34 -1.31 13.13
N SER A 53 15.17 -1.96 14.27
CA SER A 53 15.70 -3.30 14.45
C SER A 53 14.81 -4.35 15.09
N ASN A 54 13.55 -4.03 15.33
CA ASN A 54 12.67 -5.01 15.95
C ASN A 54 11.94 -5.85 14.90
N LEU A 55 12.21 -7.15 14.87
CA LEU A 55 11.57 -8.04 13.91
C LEU A 55 10.10 -8.22 14.26
N ALA A 56 9.25 -8.24 13.24
CA ALA A 56 7.82 -8.45 13.46
C ALA A 56 7.64 -9.91 13.90
N SER A 57 6.53 -10.20 14.56
CA SER A 57 6.26 -11.54 15.07
C SER A 57 6.65 -12.73 14.18
N GLY A 58 6.05 -12.87 13.01
CA GLY A 58 6.39 -14.02 12.18
C GLY A 58 7.74 -14.04 11.47
N VAL A 59 8.49 -12.94 11.56
CA VAL A 59 9.78 -12.82 10.87
C VAL A 59 10.95 -13.66 11.39
N PRO A 60 11.51 -14.53 10.52
CA PRO A 60 12.64 -15.41 10.84
C PRO A 60 13.91 -14.68 11.27
N ALA A 61 14.67 -15.32 12.15
CA ALA A 61 15.90 -14.75 12.70
C ALA A 61 16.96 -14.35 11.68
N ARG A 62 16.88 -14.89 10.46
CA ARG A 62 17.87 -14.54 9.45
C ARG A 62 17.83 -13.04 9.13
N PHE A 63 16.72 -12.38 9.42
CA PHE A 63 16.61 -10.95 9.15
C PHE A 63 17.10 -10.08 10.31
N SER A 64 17.59 -8.89 9.98
CA SER A 64 18.03 -7.92 10.98
C SER A 64 17.96 -6.52 10.37
N GLY A 65 17.74 -5.54 11.23
CA GLY A 65 17.66 -4.16 10.78
C GLY A 65 18.67 -3.38 11.61
N SER A 66 19.32 -2.40 11.02
CA SER A 66 20.31 -1.59 11.72
C SER A 66 20.33 -0.17 11.14
N GLY A 67 21.02 0.74 11.81
CA GLY A 67 21.10 2.11 11.32
C GLY A 67 20.67 3.20 12.28
N SER A 68 20.84 4.44 11.83
CA SER A 68 20.47 5.62 12.61
C SER A 68 20.68 6.85 11.74
N GLY A 69 20.08 7.97 12.15
CA GLY A 69 20.24 9.20 11.40
C GLY A 69 19.68 9.18 10.00
N THR A 70 20.57 9.20 9.01
CA THR A 70 20.17 9.20 7.60
C THR A 70 20.52 7.90 6.89
N SER A 71 20.98 6.90 7.63
CA SER A 71 21.36 5.64 6.99
C SER A 71 20.93 4.39 7.74
N TYR A 72 20.06 3.60 7.10
CA TYR A 72 19.56 2.37 7.69
C TYR A 72 19.71 1.22 6.69
N SER A 73 19.72 -0.01 7.20
CA SER A 73 19.86 -1.17 6.33
C SER A 73 19.08 -2.36 6.85
N LEU A 74 18.74 -3.27 5.93
CA LEU A 74 18.04 -4.50 6.25
C LEU A 74 18.98 -5.58 5.72
N THR A 75 19.28 -6.56 6.57
CA THR A 75 20.19 -7.62 6.19
C THR A 75 19.58 -9.00 6.35
N ILE A 76 19.97 -9.90 5.45
CA ILE A 76 19.51 -11.29 5.51
C ILE A 76 20.81 -12.06 5.61
N SER A 77 21.01 -12.75 6.73
CA SER A 77 22.25 -13.49 6.92
C SER A 77 22.45 -14.55 5.85
N SER A 78 21.35 -15.20 5.45
CA SER A 78 21.40 -16.24 4.44
C SER A 78 20.07 -16.29 3.69
N MET A 79 20.13 -15.87 2.43
CA MET A 79 19.00 -15.81 1.50
C MET A 79 18.22 -17.12 1.30
N GLU A 80 16.91 -17.07 1.49
CA GLU A 80 16.05 -18.23 1.26
C GLU A 80 15.08 -17.83 0.15
N ALA A 81 14.57 -18.81 -0.60
CA ALA A 81 13.66 -18.54 -1.71
C ALA A 81 12.46 -17.67 -1.34
N GLU A 82 11.87 -17.92 -0.18
CA GLU A 82 10.72 -17.15 0.27
C GLU A 82 11.03 -15.68 0.56
N ASP A 83 12.31 -15.32 0.55
CA ASP A 83 12.70 -13.94 0.82
C ASP A 83 12.63 -13.04 -0.42
N ALA A 84 12.46 -13.66 -1.59
CA ALA A 84 12.35 -12.89 -2.82
C ALA A 84 11.07 -12.07 -2.71
N ALA A 85 11.22 -10.74 -2.77
CA ALA A 85 10.08 -9.85 -2.65
C ALA A 85 10.63 -8.43 -2.76
N THR A 86 9.75 -7.45 -2.62
CA THR A 86 10.19 -6.07 -2.64
C THR A 86 10.11 -5.59 -1.20
N TYR A 87 11.14 -4.87 -0.75
CA TYR A 87 11.17 -4.36 0.61
C TYR A 87 11.12 -2.84 0.57
N TYR A 88 10.31 -2.28 1.46
CA TYR A 88 10.15 -0.83 1.54
C TYR A 88 10.46 -0.33 2.94
N CYS A 89 11.16 0.80 3.03
CA CYS A 89 11.43 1.39 4.32
C CYS A 89 10.37 2.49 4.42
N HIS A 90 10.16 2.97 5.65
CA HIS A 90 9.13 3.96 5.93
C HIS A 90 9.56 4.80 7.12
N GLN A 91 9.22 6.09 7.10
CA GLN A 91 9.59 6.95 8.22
C GLN A 91 8.54 8.01 8.48
N PHE A 92 8.62 8.61 9.67
CA PHE A 92 7.73 9.69 10.05
C PHE A 92 8.57 10.76 10.73
N HIS A 93 8.35 12.02 10.35
CA HIS A 93 9.05 13.13 10.99
C HIS A 93 7.97 14.20 11.10
N ARG A 94 7.62 14.81 9.98
CA ARG A 94 6.54 15.79 9.98
C ARG A 94 5.37 15.12 9.27
N SER A 95 5.71 14.20 8.38
CA SER A 95 4.71 13.48 7.60
C SER A 95 5.17 12.03 7.42
N LEU A 96 4.35 11.22 6.76
CA LEU A 96 4.68 9.81 6.49
C LEU A 96 5.15 9.62 5.05
N THR A 97 6.34 9.05 4.88
CA THR A 97 6.90 8.83 3.55
C THR A 97 7.52 7.44 3.41
N PHE A 98 7.43 6.88 2.20
CA PHE A 98 7.97 5.56 1.89
C PHE A 98 9.19 5.60 0.97
N GLY A 99 10.08 4.64 1.18
CA GLY A 99 11.26 4.53 0.34
C GLY A 99 10.86 4.00 -1.02
N SER A 100 11.75 4.18 -2.00
CA SER A 100 11.54 3.76 -3.37
C SER A 100 11.49 2.25 -3.58
N GLY A 101 11.84 1.49 -2.55
CA GLY A 101 11.82 0.05 -2.64
C GLY A 101 13.02 -0.64 -3.25
N THR A 102 13.30 -1.84 -2.75
CA THR A 102 14.39 -2.67 -3.24
C THR A 102 13.76 -4.01 -3.60
N LYS A 103 13.82 -4.38 -4.87
CA LYS A 103 13.26 -5.67 -5.30
C LYS A 103 14.38 -6.71 -5.23
N LEU A 104 14.18 -7.74 -4.40
CA LEU A 104 15.16 -8.81 -4.24
C LEU A 104 14.75 -10.03 -5.05
N GLU A 105 15.60 -10.38 -6.02
CA GLU A 105 15.35 -11.51 -6.93
C GLU A 105 16.30 -12.66 -6.64
N ILE A 106 15.96 -13.85 -7.13
CA ILE A 106 16.82 -15.02 -6.92
C ILE A 106 17.77 -15.17 -8.09
N LYS A 107 19.04 -15.40 -7.78
CA LYS A 107 20.03 -15.58 -8.83
C LYS A 107 20.09 -17.05 -9.19
N ARG A 108 20.19 -17.35 -10.48
CA ARG A 108 20.31 -18.72 -10.95
C ARG A 108 21.30 -18.72 -12.11
N ALA A 109 21.55 -19.90 -12.69
CA ALA A 109 22.49 -19.99 -13.79
C ALA A 109 21.91 -19.29 -15.02
N ASP A 110 22.78 -18.67 -15.81
CA ASP A 110 22.31 -17.98 -17.01
C ASP A 110 21.64 -18.96 -17.95
N ALA A 111 20.63 -18.48 -18.68
CA ALA A 111 19.91 -19.30 -19.63
C ALA A 111 19.51 -18.43 -20.81
N ALA A 112 19.75 -18.92 -22.02
CA ALA A 112 19.41 -18.17 -23.22
C ALA A 112 17.90 -18.24 -23.48
N PRO A 113 17.32 -17.18 -24.07
CA PRO A 113 15.89 -17.20 -24.35
C PRO A 113 15.50 -18.09 -25.52
N THR A 114 14.28 -18.60 -25.48
CA THR A 114 13.77 -19.39 -26.59
C THR A 114 12.92 -18.35 -27.33
N VAL A 115 13.30 -18.06 -28.57
CA VAL A 115 12.63 -17.03 -29.36
C VAL A 115 11.70 -17.57 -30.45
N SER A 116 10.51 -17.00 -30.54
CA SER A 116 9.51 -17.41 -31.51
C SER A 116 8.85 -16.16 -32.09
N ILE A 117 8.70 -16.11 -33.42
CA ILE A 117 8.05 -14.95 -34.04
C ILE A 117 6.74 -15.42 -34.67
N PHE A 118 5.75 -14.53 -34.65
CA PHE A 118 4.43 -14.85 -35.20
C PHE A 118 3.87 -13.74 -36.07
N PRO A 119 3.54 -14.04 -37.33
CA PRO A 119 2.96 -13.08 -38.27
C PRO A 119 1.53 -12.76 -37.81
N PRO A 120 0.96 -11.64 -38.27
CA PRO A 120 -0.41 -11.35 -37.85
C PRO A 120 -1.37 -12.47 -38.30
N SER A 121 -2.40 -12.73 -37.50
CA SER A 121 -3.35 -13.79 -37.85
C SER A 121 -4.21 -13.32 -39.01
N SER A 122 -4.73 -14.26 -39.79
CA SER A 122 -5.58 -13.91 -40.92
C SER A 122 -6.83 -13.20 -40.41
N GLU A 123 -7.26 -13.56 -39.20
CA GLU A 123 -8.45 -12.96 -38.61
C GLU A 123 -8.21 -11.48 -38.35
N GLN A 124 -7.04 -11.15 -37.81
CA GLN A 124 -6.75 -9.76 -37.53
C GLN A 124 -6.55 -8.95 -38.80
N LEU A 125 -5.93 -9.52 -39.82
CA LEU A 125 -5.73 -8.78 -41.07
C LEU A 125 -7.06 -8.39 -41.69
N THR A 126 -8.03 -9.31 -41.67
CA THR A 126 -9.34 -9.02 -42.25
C THR A 126 -9.98 -7.82 -41.55
N SER A 127 -9.69 -7.66 -40.27
CA SER A 127 -10.25 -6.56 -39.51
C SER A 127 -9.43 -5.28 -39.70
N GLY A 128 -8.40 -5.35 -40.55
CA GLY A 128 -7.57 -4.18 -40.81
C GLY A 128 -6.36 -3.95 -39.92
N GLY A 129 -6.06 -4.89 -39.04
CA GLY A 129 -4.91 -4.72 -38.17
C GLY A 129 -3.79 -5.69 -38.48
N ALA A 130 -2.60 -5.41 -37.95
CA ALA A 130 -1.45 -6.29 -38.19
C ALA A 130 -0.43 -6.25 -37.06
N SER A 131 -0.60 -7.11 -36.07
CA SER A 131 0.32 -7.17 -34.95
C SER A 131 1.30 -8.32 -35.18
N VAL A 132 2.59 -8.03 -35.06
CA VAL A 132 3.60 -9.06 -35.22
C VAL A 132 4.08 -9.30 -33.80
N VAL A 133 4.08 -10.55 -33.36
CA VAL A 133 4.46 -10.86 -31.99
C VAL A 133 5.71 -11.72 -31.89
N CYS A 134 6.50 -11.46 -30.86
CA CYS A 134 7.69 -12.23 -30.61
C CYS A 134 7.76 -12.55 -29.12
N PHE A 135 8.00 -13.81 -28.80
CA PHE A 135 8.12 -14.24 -27.41
C PHE A 135 9.58 -14.59 -27.17
N LEU A 136 10.11 -14.18 -26.01
CA LEU A 136 11.49 -14.49 -25.63
C LEU A 136 11.26 -15.12 -24.27
N ASN A 137 11.24 -16.44 -24.23
CA ASN A 137 10.92 -17.15 -23.00
C ASN A 137 12.02 -17.86 -22.21
N ASN A 138 11.81 -17.90 -20.90
CA ASN A 138 12.66 -18.59 -19.94
C ASN A 138 14.15 -18.30 -20.03
N PHE A 139 14.52 -17.03 -19.87
CA PHE A 139 15.92 -16.68 -19.92
C PHE A 139 16.36 -16.08 -18.58
N TYR A 140 17.68 -15.97 -18.41
CA TYR A 140 18.25 -15.39 -17.21
C TYR A 140 19.68 -14.98 -17.52
N PRO A 141 20.10 -13.78 -17.08
CA PRO A 141 19.39 -12.76 -16.30
C PRO A 141 18.35 -12.02 -17.15
N LYS A 142 17.60 -11.12 -16.51
CA LYS A 142 16.53 -10.38 -17.18
C LYS A 142 17.03 -9.42 -18.27
N ASP A 143 18.26 -8.96 -18.13
CA ASP A 143 18.86 -8.02 -19.08
C ASP A 143 18.87 -8.64 -20.49
N ILE A 144 18.34 -7.91 -21.46
CA ILE A 144 18.29 -8.43 -22.82
C ILE A 144 18.02 -7.29 -23.79
N ASN A 145 18.52 -7.44 -25.01
CA ASN A 145 18.33 -6.42 -26.05
C ASN A 145 17.45 -7.04 -27.13
N VAL A 146 16.33 -6.39 -27.44
CA VAL A 146 15.44 -6.89 -28.47
C VAL A 146 15.24 -5.84 -29.56
N LYS A 147 15.41 -6.23 -30.81
CA LYS A 147 15.24 -5.31 -31.93
C LYS A 147 14.34 -5.88 -33.01
N TRP A 148 13.58 -5.00 -33.64
CA TRP A 148 12.73 -5.39 -34.74
C TRP A 148 13.36 -4.80 -35.99
N LYS A 149 13.46 -5.62 -37.04
CA LYS A 149 14.02 -5.16 -38.30
C LYS A 149 13.01 -5.49 -39.40
N ILE A 150 12.63 -4.47 -40.16
CA ILE A 150 11.67 -4.64 -41.24
C ILE A 150 12.43 -4.36 -42.53
N ASP A 151 12.46 -5.33 -43.42
CA ASP A 151 13.22 -5.22 -44.66
C ASP A 151 14.65 -4.83 -44.32
N GLY A 152 15.13 -5.37 -43.20
CA GLY A 152 16.48 -5.11 -42.76
C GLY A 152 16.71 -3.92 -41.85
N SER A 153 15.80 -2.95 -41.88
CA SER A 153 15.92 -1.73 -41.08
C SER A 153 15.22 -1.79 -39.72
N GLU A 154 15.93 -1.30 -38.71
CA GLU A 154 15.41 -1.29 -37.34
C GLU A 154 14.21 -0.36 -37.18
N ARG A 155 13.20 -0.82 -36.47
CA ARG A 155 12.03 -0.02 -36.20
C ARG A 155 11.70 -0.09 -34.72
N GLN A 156 11.45 1.06 -34.12
CA GLN A 156 11.11 1.10 -32.71
C GLN A 156 9.67 1.56 -32.51
N ASN A 157 9.18 2.38 -33.43
CA ASN A 157 7.81 2.86 -33.33
C ASN A 157 6.83 1.70 -33.41
N GLY A 158 5.82 1.72 -32.53
CA GLY A 158 4.81 0.68 -32.55
C GLY A 158 5.22 -0.57 -31.80
N VAL A 159 6.34 -0.52 -31.11
CA VAL A 159 6.83 -1.66 -30.35
C VAL A 159 6.54 -1.54 -28.86
N LEU A 160 5.90 -2.57 -28.28
CA LEU A 160 5.62 -2.57 -26.85
C LEU A 160 6.15 -3.86 -26.26
N ASN A 161 6.86 -3.78 -25.14
CA ASN A 161 7.41 -4.98 -24.50
C ASN A 161 6.76 -5.22 -23.14
N SER A 162 6.56 -6.49 -22.78
CA SER A 162 5.98 -6.81 -21.48
C SER A 162 6.78 -7.96 -20.87
N TRP A 163 7.11 -7.83 -19.59
CA TRP A 163 7.91 -8.84 -18.88
C TRP A 163 7.11 -9.53 -17.78
N THR A 164 7.29 -10.84 -17.64
CA THR A 164 6.62 -11.56 -16.56
C THR A 164 7.52 -11.38 -15.35
N ASP A 165 6.99 -11.57 -14.14
CA ASP A 165 7.82 -11.47 -12.95
C ASP A 165 8.63 -12.76 -12.93
N GLN A 166 9.74 -12.77 -12.21
CA GLN A 166 10.58 -13.97 -12.13
C GLN A 166 9.71 -15.19 -11.79
N ASP A 167 9.88 -16.26 -12.55
CA ASP A 167 9.07 -17.46 -12.34
C ASP A 167 9.32 -18.09 -10.97
N SER A 168 8.25 -18.41 -10.26
CA SER A 168 8.39 -19.00 -8.93
C SER A 168 9.09 -20.35 -8.94
N LYS A 169 9.00 -21.08 -10.04
CA LYS A 169 9.63 -22.40 -10.11
C LYS A 169 11.04 -22.43 -10.69
N ASP A 170 11.22 -21.99 -11.93
CA ASP A 170 12.56 -22.03 -12.51
C ASP A 170 13.38 -20.77 -12.39
N SER A 171 12.83 -19.74 -11.75
CA SER A 171 13.52 -18.47 -11.54
C SER A 171 13.96 -17.75 -12.81
N THR A 172 13.33 -18.06 -13.93
CA THR A 172 13.66 -17.39 -15.19
C THR A 172 12.69 -16.25 -15.47
N TYR A 173 12.98 -15.51 -16.55
CA TYR A 173 12.13 -14.42 -16.99
C TYR A 173 11.68 -14.71 -18.40
N SER A 174 10.55 -14.11 -18.78
CA SER A 174 10.03 -14.25 -20.14
C SER A 174 9.49 -12.88 -20.53
N MET A 175 9.46 -12.58 -21.81
CA MET A 175 8.95 -11.30 -22.25
C MET A 175 8.29 -11.42 -23.61
N SER A 176 7.39 -10.50 -23.90
CA SER A 176 6.73 -10.50 -25.19
C SER A 176 7.11 -9.14 -25.78
N SER A 177 7.30 -9.11 -27.09
CA SER A 177 7.61 -7.88 -27.80
C SER A 177 6.60 -7.88 -28.93
N THR A 178 5.78 -6.84 -28.98
CA THR A 178 4.74 -6.77 -30.00
C THR A 178 4.88 -5.52 -30.86
N LEU A 179 4.93 -5.72 -32.18
CA LEU A 179 5.05 -4.63 -33.13
C LEU A 179 3.65 -4.47 -33.71
N THR A 180 3.02 -3.35 -33.42
CA THR A 180 1.66 -3.11 -33.91
C THR A 180 1.66 -2.15 -35.10
N LEU A 181 1.22 -2.68 -36.23
CA LEU A 181 1.17 -1.92 -37.48
C LEU A 181 -0.23 -1.98 -38.04
N THR A 182 -0.51 -1.10 -39.00
CA THR A 182 -1.80 -1.12 -39.64
C THR A 182 -1.58 -2.12 -40.77
N LYS A 183 -2.67 -2.66 -41.32
CA LYS A 183 -2.56 -3.62 -42.40
C LYS A 183 -1.78 -3.00 -43.57
N ASP A 184 -2.05 -1.72 -43.87
CA ASP A 184 -1.36 -1.06 -44.98
C ASP A 184 0.16 -1.02 -44.73
N GLU A 185 0.56 -0.54 -43.55
CA GLU A 185 1.98 -0.48 -43.21
C GLU A 185 2.64 -1.84 -43.36
N TYR A 186 2.00 -2.85 -42.76
CA TYR A 186 2.49 -4.23 -42.80
C TYR A 186 2.74 -4.70 -44.23
N GLU A 187 1.81 -4.36 -45.13
CA GLU A 187 1.93 -4.77 -46.53
C GLU A 187 2.94 -4.01 -47.37
N ARG A 188 3.61 -3.03 -46.80
CA ARG A 188 4.61 -2.26 -47.56
C ARG A 188 5.97 -2.94 -47.51
N HIS A 189 6.11 -3.92 -46.61
CA HIS A 189 7.39 -4.60 -46.46
C HIS A 189 7.26 -6.11 -46.51
N ASN A 190 8.39 -6.77 -46.70
CA ASN A 190 8.41 -8.22 -46.83
C ASN A 190 8.99 -8.93 -45.59
N SER A 191 10.28 -8.76 -45.33
CA SER A 191 10.89 -9.44 -44.18
C SER A 191 10.67 -8.76 -42.84
N TYR A 192 10.28 -9.58 -41.86
CA TYR A 192 10.04 -9.13 -40.50
C TYR A 192 10.89 -9.99 -39.59
N THR A 193 11.74 -9.35 -38.79
CA THR A 193 12.60 -10.09 -37.90
C THR A 193 12.66 -9.54 -36.50
N CYS A 194 12.73 -10.45 -35.53
CA CYS A 194 12.87 -10.11 -34.14
C CYS A 194 14.24 -10.65 -33.82
N GLU A 195 15.11 -9.80 -33.28
CA GLU A 195 16.46 -10.21 -32.97
C GLU A 195 16.75 -9.97 -31.50
N ALA A 196 17.31 -10.96 -30.83
CA ALA A 196 17.61 -10.84 -29.42
C ALA A 196 19.07 -11.08 -29.10
N THR A 197 19.67 -10.15 -28.37
CA THR A 197 21.06 -10.29 -27.96
C THR A 197 21.00 -10.42 -26.45
N HIS A 198 21.59 -11.51 -25.96
CA HIS A 198 21.57 -11.79 -24.54
C HIS A 198 22.95 -12.30 -24.12
N LYS A 199 23.30 -11.99 -22.87
CA LYS A 199 24.57 -12.35 -22.25
C LYS A 199 25.11 -13.75 -22.58
N THR A 200 24.19 -14.70 -22.71
CA THR A 200 24.54 -16.07 -22.99
C THR A 200 25.25 -16.37 -24.31
N SER A 201 25.28 -15.39 -25.21
CA SER A 201 25.96 -15.58 -26.48
C SER A 201 26.27 -14.29 -27.21
N THR A 202 27.47 -14.20 -27.78
CA THR A 202 27.87 -13.02 -28.51
C THR A 202 27.07 -12.93 -29.80
N SER A 203 26.43 -14.04 -30.16
CA SER A 203 25.62 -14.12 -31.39
C SER A 203 24.14 -13.91 -31.10
N PRO A 204 23.54 -12.85 -31.68
CA PRO A 204 22.11 -12.62 -31.43
C PRO A 204 21.25 -13.75 -31.97
N ILE A 205 20.09 -13.93 -31.37
CA ILE A 205 19.13 -14.95 -31.77
C ILE A 205 18.19 -14.24 -32.73
N VAL A 206 18.09 -14.72 -33.95
CA VAL A 206 17.24 -14.08 -34.94
C VAL A 206 16.13 -14.98 -35.51
N LYS A 207 14.89 -14.51 -35.42
CA LYS A 207 13.76 -15.26 -35.98
C LYS A 207 13.09 -14.34 -37.00
N SER A 208 12.72 -14.89 -38.15
CA SER A 208 12.15 -14.08 -39.22
C SER A 208 11.18 -14.81 -40.12
N PHE A 209 10.42 -14.05 -40.90
CA PHE A 209 9.50 -14.62 -41.87
C PHE A 209 9.30 -13.58 -42.96
N ASN A 210 8.94 -14.04 -44.15
CA ASN A 210 8.71 -13.14 -45.27
C ASN A 210 7.20 -13.07 -45.50
N ARG A 211 6.64 -11.87 -45.37
CA ARG A 211 5.20 -11.69 -45.55
C ARG A 211 4.65 -12.19 -46.89
N ASN A 212 5.29 -11.83 -47.99
CA ASN A 212 4.75 -12.25 -49.29
C ASN A 212 4.90 -13.73 -49.62
N GLU A 213 5.31 -14.52 -48.64
CA GLU A 213 5.44 -15.96 -48.85
C GLU A 213 4.40 -16.67 -47.98
N CYS A 214 3.72 -15.89 -47.13
CA CYS A 214 2.68 -16.44 -46.27
C CYS A 214 1.49 -16.82 -47.15
N ASP B 1 -8.14 -10.79 16.54
CA ASP B 1 -7.60 -10.79 15.15
C ASP B 1 -8.09 -9.56 14.39
N VAL B 2 -7.25 -8.53 14.34
CA VAL B 2 -7.59 -7.30 13.65
C VAL B 2 -7.66 -7.53 12.14
N GLN B 3 -8.73 -7.04 11.53
CA GLN B 3 -8.92 -7.20 10.09
C GLN B 3 -9.56 -5.97 9.46
N LEU B 4 -8.99 -5.52 8.34
CA LEU B 4 -9.51 -4.37 7.61
C LEU B 4 -9.89 -4.84 6.21
N GLN B 5 -10.97 -4.26 5.69
CA GLN B 5 -11.47 -4.64 4.37
C GLN B 5 -11.96 -3.42 3.60
N GLU B 6 -11.37 -3.17 2.43
CA GLU B 6 -11.81 -2.03 1.63
C GLU B 6 -12.90 -2.40 0.64
N SER B 7 -13.77 -1.43 0.35
CA SER B 7 -14.87 -1.64 -0.58
C SER B 7 -15.22 -0.35 -1.31
N GLY B 8 -15.82 -0.49 -2.48
CA GLY B 8 -16.18 0.67 -3.27
C GLY B 8 -15.92 0.39 -4.74
N PRO B 9 -16.37 1.28 -5.65
CA PRO B 9 -16.19 1.13 -7.10
C PRO B 9 -14.73 1.05 -7.56
N GLY B 10 -14.46 0.09 -8.44
CA GLY B 10 -13.11 -0.07 -8.96
C GLY B 10 -12.83 0.79 -10.17
N LEU B 11 -13.84 1.56 -10.59
CA LEU B 11 -13.70 2.43 -11.75
C LEU B 11 -14.28 3.80 -11.44
N VAL B 12 -13.58 4.85 -11.89
CA VAL B 12 -14.03 6.22 -11.69
C VAL B 12 -13.65 7.06 -12.90
N LYS B 13 -14.54 7.97 -13.29
CA LYS B 13 -14.29 8.84 -14.43
C LYS B 13 -13.47 10.07 -14.02
N PRO B 14 -12.59 10.55 -14.91
CA PRO B 14 -11.77 11.72 -14.59
C PRO B 14 -12.70 12.90 -14.24
N SER B 15 -12.26 13.73 -13.29
CA SER B 15 -13.02 14.90 -12.82
C SER B 15 -13.96 14.54 -11.68
N GLN B 16 -14.36 13.28 -11.60
CA GLN B 16 -15.27 12.86 -10.55
C GLN B 16 -14.58 12.46 -9.26
N SER B 17 -15.37 12.08 -8.27
CA SER B 17 -14.85 11.72 -6.95
C SER B 17 -14.73 10.22 -6.74
N LEU B 18 -13.62 9.84 -6.12
CA LEU B 18 -13.34 8.45 -5.79
C LEU B 18 -13.71 8.25 -4.33
N SER B 19 -14.55 7.27 -4.05
CA SER B 19 -14.97 7.00 -2.67
C SER B 19 -14.80 5.54 -2.31
N LEU B 20 -14.12 5.29 -1.20
CA LEU B 20 -13.88 3.94 -0.72
C LEU B 20 -14.26 3.81 0.76
N THR B 21 -14.63 2.60 1.15
CA THR B 21 -15.02 2.33 2.53
C THR B 21 -14.12 1.25 3.12
N CYS B 22 -13.78 1.42 4.39
CA CYS B 22 -12.98 0.41 5.07
C CYS B 22 -13.78 -0.05 6.28
N THR B 23 -14.03 -1.35 6.34
CA THR B 23 -14.78 -1.91 7.47
C THR B 23 -13.76 -2.66 8.32
N VAL B 24 -13.65 -2.27 9.59
CA VAL B 24 -12.70 -2.91 10.49
C VAL B 24 -13.40 -3.83 11.48
N THR B 25 -12.78 -4.99 11.71
CA THR B 25 -13.31 -5.99 12.63
C THR B 25 -12.19 -6.46 13.55
N GLY B 26 -12.54 -6.84 14.77
CA GLY B 26 -11.55 -7.32 15.71
C GLY B 26 -10.90 -6.25 16.58
N TYR B 27 -11.30 -5.00 16.37
CA TYR B 27 -10.76 -3.88 17.13
C TYR B 27 -11.64 -2.65 16.83
N SER B 28 -11.78 -1.76 17.81
CA SER B 28 -12.60 -0.57 17.65
C SER B 28 -11.77 0.66 17.25
N ILE B 29 -12.16 1.30 16.14
CA ILE B 29 -11.43 2.47 15.67
C ILE B 29 -11.50 3.69 16.59
N THR B 30 -12.26 3.59 17.67
CA THR B 30 -12.36 4.70 18.63
C THR B 30 -11.47 4.41 19.84
N ASN B 31 -10.99 3.17 19.94
CA ASN B 31 -10.14 2.77 21.05
C ASN B 31 -8.76 3.41 21.01
N ASN B 32 -8.03 3.22 19.90
CA ASN B 32 -6.70 3.80 19.80
C ASN B 32 -6.19 3.72 18.37
N TYR B 33 -4.99 4.25 18.15
CA TYR B 33 -4.30 4.21 16.86
C TYR B 33 -4.83 5.08 15.72
N ALA B 34 -4.10 5.04 14.61
CA ALA B 34 -4.45 5.79 13.41
C ALA B 34 -4.96 4.85 12.33
N TRP B 35 -5.95 5.32 11.58
CA TRP B 35 -6.56 4.53 10.53
C TRP B 35 -6.29 5.25 9.20
N ASN B 36 -5.40 4.62 8.43
CA ASN B 36 -4.89 5.16 7.18
C ASN B 36 -5.42 4.63 5.86
N TRP B 37 -5.14 5.43 4.84
CA TRP B 37 -5.43 5.10 3.46
C TRP B 37 -4.06 5.26 2.84
N ILE B 38 -3.58 4.21 2.19
CA ILE B 38 -2.26 4.20 1.55
C ILE B 38 -2.47 3.60 0.16
N ARG B 39 -1.93 4.25 -0.87
CA ARG B 39 -2.11 3.71 -2.21
C ARG B 39 -0.80 3.34 -2.86
N GLN B 40 -0.90 2.45 -3.84
CA GLN B 40 0.27 1.99 -4.56
C GLN B 40 -0.02 2.08 -6.05
N PHE B 41 0.80 2.87 -6.73
CA PHE B 41 0.66 3.11 -8.15
C PHE B 41 1.08 1.92 -9.00
N PRO B 42 0.71 1.91 -10.28
CA PRO B 42 1.04 0.83 -11.21
C PRO B 42 2.52 0.44 -11.22
N GLY B 43 3.41 1.42 -11.02
CA GLY B 43 4.83 1.14 -11.00
C GLY B 43 5.29 0.68 -9.63
N ASN B 44 4.32 0.52 -8.73
CA ASN B 44 4.52 0.05 -7.36
C ASN B 44 5.02 1.04 -6.31
N LYS B 45 5.00 2.33 -6.61
CA LYS B 45 5.42 3.32 -5.63
C LYS B 45 4.29 3.42 -4.60
N LEU B 46 4.66 3.44 -3.31
CA LEU B 46 3.70 3.55 -2.22
C LEU B 46 3.57 4.99 -1.76
N GLU B 47 2.35 5.38 -1.41
CA GLU B 47 2.11 6.74 -0.97
C GLU B 47 1.05 6.80 0.11
N TRP B 48 1.40 7.41 1.24
CA TRP B 48 0.49 7.58 2.36
C TRP B 48 -0.41 8.76 1.97
N MET B 49 -1.72 8.58 2.11
CA MET B 49 -2.67 9.63 1.74
C MET B 49 -3.13 10.46 2.94
N GLY B 50 -3.35 9.78 4.06
CA GLY B 50 -3.80 10.47 5.25
C GLY B 50 -4.43 9.49 6.22
N TYR B 51 -4.88 9.99 7.37
CA TYR B 51 -5.53 9.13 8.36
C TYR B 51 -6.53 9.92 9.20
N ILE B 52 -7.26 9.17 10.01
CA ILE B 52 -8.18 9.73 10.99
C ILE B 52 -7.88 8.82 12.17
N ASN B 53 -7.53 9.39 13.31
CA ASN B 53 -7.22 8.54 14.46
C ASN B 53 -8.42 8.29 15.35
N TYR B 54 -8.18 7.52 16.41
CA TYR B 54 -9.21 7.14 17.37
C TYR B 54 -10.06 8.29 17.89
N SER B 55 -9.49 9.48 18.00
CA SER B 55 -10.23 10.64 18.52
C SER B 55 -10.96 11.40 17.42
N GLY B 56 -10.75 10.99 16.18
CA GLY B 56 -11.41 11.65 15.07
C GLY B 56 -10.58 12.70 14.33
N THR B 57 -9.37 12.98 14.79
CA THR B 57 -8.57 13.99 14.12
C THR B 57 -7.97 13.39 12.84
N THR B 58 -7.88 14.22 11.82
CA THR B 58 -7.34 13.80 10.53
C THR B 58 -5.99 14.45 10.24
N SER B 59 -5.19 13.77 9.42
CA SER B 59 -3.89 14.24 9.01
C SER B 59 -3.77 13.82 7.54
N TYR B 60 -3.38 14.75 6.67
CA TYR B 60 -3.29 14.44 5.24
C TYR B 60 -1.93 14.69 4.60
N ASN B 61 -1.67 13.99 3.51
CA ASN B 61 -0.44 14.15 2.76
C ASN B 61 -0.58 15.54 2.13
N PRO B 62 0.38 16.44 2.36
CA PRO B 62 0.32 17.79 1.81
C PRO B 62 0.03 17.91 0.32
N SER B 63 0.41 16.90 -0.47
CA SER B 63 0.18 16.96 -1.91
C SER B 63 -1.26 16.63 -2.30
N LEU B 64 -2.04 16.16 -1.32
CA LEU B 64 -3.44 15.79 -1.54
C LEU B 64 -4.42 16.62 -0.72
N LYS B 65 -3.88 17.40 0.22
CA LYS B 65 -4.70 18.23 1.11
C LYS B 65 -5.95 18.90 0.53
N SER B 66 -5.82 19.52 -0.64
CA SER B 66 -6.94 20.21 -1.24
C SER B 66 -7.97 19.33 -1.95
N ARG B 67 -7.67 18.03 -2.06
CA ARG B 67 -8.56 17.10 -2.76
C ARG B 67 -9.13 15.98 -1.90
N ILE B 68 -8.56 15.76 -0.73
CA ILE B 68 -9.03 14.64 0.08
C ILE B 68 -9.80 14.93 1.35
N SER B 69 -10.50 13.90 1.81
CA SER B 69 -11.29 13.97 3.01
C SER B 69 -11.45 12.57 3.59
N ILE B 70 -11.08 12.40 4.85
CA ILE B 70 -11.24 11.09 5.49
C ILE B 70 -12.20 11.28 6.65
N THR B 71 -13.25 10.48 6.66
CA THR B 71 -14.28 10.56 7.69
C THR B 71 -14.51 9.17 8.28
N ARG B 72 -15.39 9.08 9.28
CA ARG B 72 -15.68 7.79 9.90
C ARG B 72 -17.10 7.69 10.44
N ASP B 73 -17.53 6.45 10.66
CA ASP B 73 -18.86 6.15 11.20
C ASP B 73 -18.58 5.14 12.32
N THR B 74 -18.40 5.65 13.53
CA THR B 74 -18.09 4.81 14.68
C THR B 74 -19.11 3.71 14.98
N SER B 75 -20.38 3.93 14.68
CA SER B 75 -21.41 2.93 14.96
C SER B 75 -21.25 1.71 14.07
N LYS B 76 -20.59 1.89 12.92
CA LYS B 76 -20.38 0.80 11.98
C LYS B 76 -18.92 0.34 11.99
N ASN B 77 -18.10 1.08 12.74
CA ASN B 77 -16.67 0.78 12.87
C ASN B 77 -16.03 0.78 11.49
N GLN B 78 -16.28 1.85 10.74
CA GLN B 78 -15.73 2.03 9.40
C GLN B 78 -15.19 3.44 9.25
N PHE B 79 -14.22 3.61 8.36
CA PHE B 79 -13.74 4.96 8.06
C PHE B 79 -13.75 5.06 6.54
N PHE B 80 -13.84 6.28 6.03
CA PHE B 80 -13.94 6.46 4.59
C PHE B 80 -12.92 7.37 3.94
N LEU B 81 -12.77 7.22 2.63
CA LEU B 81 -11.87 8.02 1.84
C LEU B 81 -12.65 8.67 0.70
N GLN B 82 -12.42 9.96 0.50
CA GLN B 82 -13.04 10.66 -0.60
C GLN B 82 -11.92 11.48 -1.24
N LEU B 83 -11.67 11.23 -2.52
CA LEU B 83 -10.62 11.96 -3.25
C LEU B 83 -11.32 12.62 -4.43
N ASN B 84 -11.37 13.95 -4.43
CA ASN B 84 -12.04 14.68 -5.50
C ASN B 84 -11.23 14.95 -6.78
N SER B 85 -11.95 15.31 -7.84
CA SER B 85 -11.36 15.62 -9.14
C SER B 85 -10.20 14.71 -9.51
N VAL B 86 -10.46 13.42 -9.52
CA VAL B 86 -9.45 12.43 -9.85
C VAL B 86 -9.02 12.50 -11.32
N THR B 87 -7.78 12.10 -11.59
CA THR B 87 -7.25 12.08 -12.94
C THR B 87 -6.64 10.71 -13.19
N THR B 88 -6.18 10.50 -14.42
CA THR B 88 -5.55 9.25 -14.81
C THR B 88 -4.47 8.83 -13.81
N GLU B 89 -3.76 9.80 -13.26
CA GLU B 89 -2.68 9.51 -12.31
C GLU B 89 -3.13 8.97 -10.95
N ASP B 90 -4.44 9.00 -10.69
CA ASP B 90 -4.91 8.49 -9.41
C ASP B 90 -5.24 6.99 -9.53
N THR B 91 -4.96 6.41 -10.68
CA THR B 91 -5.18 4.97 -10.88
C THR B 91 -4.16 4.31 -9.96
N ALA B 92 -4.62 3.38 -9.14
CA ALA B 92 -3.74 2.69 -8.20
C ALA B 92 -4.53 1.71 -7.35
N THR B 93 -3.81 0.96 -6.53
CA THR B 93 -4.43 0.02 -5.62
C THR B 93 -4.52 0.75 -4.29
N TYR B 94 -5.72 0.78 -3.71
CA TYR B 94 -5.92 1.49 -2.44
C TYR B 94 -6.02 0.54 -1.24
N PHE B 95 -5.24 0.84 -0.20
CA PHE B 95 -5.21 0.03 1.02
C PHE B 95 -5.69 0.82 2.22
N CYS B 96 -6.47 0.19 3.09
CA CYS B 96 -6.88 0.81 4.35
C CYS B 96 -5.93 0.09 5.31
N VAL B 97 -5.27 0.86 6.17
CA VAL B 97 -4.24 0.29 7.04
C VAL B 97 -4.22 0.87 8.45
N ARG B 98 -3.94 0.03 9.44
CA ARG B 98 -3.86 0.52 10.81
C ARG B 98 -2.46 1.02 11.17
N GLY B 99 -2.40 2.21 11.77
CA GLY B 99 -1.13 2.77 12.19
C GLY B 99 -0.95 2.54 13.68
N TYR B 100 -0.03 1.63 14.01
CA TYR B 100 0.29 1.25 15.39
C TYR B 100 1.25 2.31 15.98
N ASP B 101 1.90 1.98 17.10
CA ASP B 101 2.84 2.91 17.70
C ASP B 101 3.94 3.28 16.71
N TYR B 102 4.33 4.56 16.71
CA TYR B 102 5.35 5.09 15.82
C TYR B 102 4.91 4.99 14.37
N PHE B 103 3.61 4.82 14.18
CA PHE B 103 2.99 4.68 12.86
C PHE B 103 3.45 3.45 12.08
N ALA B 104 3.86 2.41 12.80
CA ALA B 104 4.22 1.17 12.12
C ALA B 104 2.86 0.66 11.61
N MET B 105 2.78 0.32 10.33
CA MET B 105 1.53 -0.15 9.75
C MET B 105 1.42 -1.66 9.96
N ASP B 106 0.83 -2.08 11.08
CA ASP B 106 0.74 -3.50 11.40
C ASP B 106 -0.34 -4.32 10.72
N TYR B 107 -1.47 -3.71 10.39
CA TYR B 107 -2.54 -4.45 9.73
C TYR B 107 -3.02 -3.73 8.47
N TRP B 108 -2.94 -4.43 7.34
CA TRP B 108 -3.35 -3.86 6.05
C TRP B 108 -4.56 -4.60 5.48
N GLY B 109 -5.40 -3.87 4.75
CA GLY B 109 -6.53 -4.50 4.11
C GLY B 109 -5.91 -5.20 2.90
N GLN B 110 -6.65 -6.04 2.19
CA GLN B 110 -6.01 -6.69 1.06
C GLN B 110 -5.82 -5.79 -0.16
N GLY B 111 -6.45 -4.61 -0.12
CA GLY B 111 -6.30 -3.68 -1.21
C GLY B 111 -7.34 -3.80 -2.31
N THR B 112 -7.70 -2.66 -2.90
CA THR B 112 -8.68 -2.65 -3.97
C THR B 112 -8.19 -1.80 -5.13
N SER B 113 -8.26 -2.37 -6.32
CA SER B 113 -7.81 -1.68 -7.52
C SER B 113 -8.82 -0.67 -8.04
N VAL B 114 -8.37 0.55 -8.27
CA VAL B 114 -9.24 1.59 -8.79
C VAL B 114 -8.60 2.12 -10.06
N THR B 115 -9.39 2.16 -11.12
CA THR B 115 -8.89 2.65 -12.39
C THR B 115 -9.64 3.93 -12.73
N VAL B 116 -8.90 4.96 -13.11
CA VAL B 116 -9.49 6.23 -13.50
C VAL B 116 -9.32 6.32 -15.01
N SER B 117 -10.43 6.23 -15.71
CA SER B 117 -10.42 6.26 -17.18
C SER B 117 -11.74 6.71 -17.76
N SER B 118 -11.68 7.25 -18.97
CA SER B 118 -12.88 7.69 -19.68
C SER B 118 -13.36 6.58 -20.61
N ALA B 119 -12.53 5.53 -20.76
CA ALA B 119 -12.87 4.42 -21.64
C ALA B 119 -14.13 3.67 -21.25
N LYS B 120 -14.82 3.10 -22.24
CA LYS B 120 -16.01 2.33 -21.92
C LYS B 120 -15.67 0.86 -21.99
N THR B 121 -16.49 0.04 -21.32
CA THR B 121 -16.30 -1.39 -21.30
C THR B 121 -16.26 -1.91 -22.73
N THR B 122 -15.18 -2.61 -23.08
CA THR B 122 -15.05 -3.16 -24.43
C THR B 122 -14.45 -4.56 -24.35
N PRO B 123 -15.09 -5.54 -25.00
CA PRO B 123 -14.60 -6.92 -25.00
C PRO B 123 -13.31 -6.99 -25.82
N PRO B 124 -12.45 -7.97 -25.52
CA PRO B 124 -11.21 -8.08 -26.27
C PRO B 124 -11.40 -8.79 -27.60
N SER B 125 -10.51 -8.51 -28.54
CA SER B 125 -10.49 -9.20 -29.82
C SER B 125 -9.44 -10.26 -29.50
N VAL B 126 -9.69 -11.50 -29.87
CA VAL B 126 -8.73 -12.56 -29.58
C VAL B 126 -8.20 -13.20 -30.86
N TYR B 127 -6.89 -13.15 -31.04
CA TYR B 127 -6.27 -13.71 -32.23
C TYR B 127 -5.31 -14.86 -31.93
N PRO B 128 -5.40 -15.94 -32.70
CA PRO B 128 -4.52 -17.08 -32.48
C PRO B 128 -3.13 -16.78 -33.06
N LEU B 129 -2.08 -17.22 -32.39
CA LEU B 129 -0.73 -16.99 -32.88
C LEU B 129 -0.10 -18.34 -33.20
N ALA B 130 0.02 -18.66 -34.48
CA ALA B 130 0.59 -19.92 -34.93
C ALA B 130 1.87 -19.68 -35.74
N PRO B 131 2.87 -20.55 -35.58
CA PRO B 131 4.14 -20.45 -36.30
C PRO B 131 4.05 -20.55 -37.82
N GLY B 132 4.94 -19.85 -38.51
CA GLY B 132 4.96 -19.89 -39.96
C GLY B 132 5.97 -20.96 -40.40
N SER B 133 6.59 -21.59 -39.41
CA SER B 133 7.58 -22.64 -39.60
C SER B 133 8.56 -22.50 -40.78
N ALA B 134 9.37 -21.45 -40.77
CA ALA B 134 10.39 -21.21 -41.79
C ALA B 134 11.73 -21.58 -41.12
N ALA B 135 12.01 -22.88 -41.07
CA ALA B 135 13.21 -23.41 -40.43
C ALA B 135 12.92 -23.51 -38.93
N GLN B 136 11.64 -23.66 -38.62
CA GLN B 136 11.09 -23.77 -37.26
C GLN B 136 11.72 -24.87 -36.39
N THR B 137 11.21 -26.09 -36.61
CA THR B 137 11.62 -27.32 -35.92
C THR B 137 12.52 -27.27 -34.67
N ASN B 138 12.27 -28.24 -33.79
CA ASN B 138 12.97 -28.48 -32.52
C ASN B 138 11.99 -29.18 -31.58
N SER B 139 12.51 -30.00 -30.68
CA SER B 139 11.71 -30.79 -29.74
C SER B 139 10.46 -30.13 -29.14
N MET B 140 10.42 -28.80 -29.11
CA MET B 140 9.27 -28.09 -28.55
C MET B 140 8.66 -27.13 -29.55
N VAL B 141 7.42 -26.70 -29.30
CA VAL B 141 6.75 -25.76 -30.18
C VAL B 141 6.00 -24.76 -29.32
N THR B 142 6.11 -23.48 -29.70
CA THR B 142 5.45 -22.42 -28.94
C THR B 142 4.30 -21.84 -29.75
N LEU B 143 3.16 -21.67 -29.10
CA LEU B 143 1.96 -21.13 -29.71
C LEU B 143 1.55 -19.95 -28.85
N GLY B 144 0.55 -19.20 -29.32
CA GLY B 144 0.13 -18.07 -28.51
C GLY B 144 -1.20 -17.49 -28.90
N CYS B 145 -1.65 -16.53 -28.11
CA CYS B 145 -2.90 -15.85 -28.37
C CYS B 145 -2.77 -14.40 -27.96
N LEU B 146 -3.16 -13.52 -28.87
CA LEU B 146 -3.11 -12.08 -28.66
C LEU B 146 -4.51 -11.65 -28.26
N VAL B 147 -4.59 -10.91 -27.15
CA VAL B 147 -5.86 -10.42 -26.60
C VAL B 147 -5.76 -8.90 -26.59
N LYS B 148 -6.41 -8.22 -27.53
CA LYS B 148 -6.26 -6.77 -27.51
C LYS B 148 -7.52 -5.93 -27.57
N GLY B 149 -7.33 -4.68 -27.18
CA GLY B 149 -8.41 -3.70 -27.19
C GLY B 149 -9.52 -3.91 -26.18
N TYR B 150 -9.19 -4.32 -24.96
CA TYR B 150 -10.24 -4.50 -23.95
C TYR B 150 -10.17 -3.51 -22.81
N PHE B 151 -11.25 -3.42 -22.05
CA PHE B 151 -11.34 -2.52 -20.92
C PHE B 151 -12.60 -2.86 -20.16
N PRO B 152 -12.52 -2.90 -18.82
CA PRO B 152 -11.32 -2.65 -18.03
C PRO B 152 -10.62 -3.99 -17.78
N GLU B 153 -9.59 -3.97 -16.94
CA GLU B 153 -8.93 -5.23 -16.59
C GLU B 153 -9.85 -5.86 -15.54
N PRO B 154 -9.73 -7.16 -15.32
CA PRO B 154 -8.78 -8.04 -16.02
C PRO B 154 -9.45 -9.02 -16.97
N VAL B 155 -8.61 -9.81 -17.63
CA VAL B 155 -9.07 -10.87 -18.51
C VAL B 155 -8.40 -12.11 -17.94
N THR B 156 -8.97 -13.28 -18.21
CA THR B 156 -8.41 -14.54 -17.75
C THR B 156 -8.11 -15.37 -18.99
N VAL B 157 -6.89 -15.88 -19.07
CA VAL B 157 -6.50 -16.71 -20.20
C VAL B 157 -6.11 -18.10 -19.73
N THR B 158 -6.67 -19.12 -20.36
CA THR B 158 -6.32 -20.49 -20.03
C THR B 158 -6.15 -21.21 -21.35
N TRP B 159 -5.57 -22.40 -21.29
CA TRP B 159 -5.36 -23.19 -22.50
C TRP B 159 -6.01 -24.55 -22.32
N ASN B 160 -6.79 -24.97 -23.33
CA ASN B 160 -7.51 -26.22 -23.28
C ASN B 160 -8.29 -26.32 -21.97
N SER B 161 -9.07 -25.27 -21.70
CA SER B 161 -9.91 -25.18 -20.51
C SER B 161 -9.14 -25.44 -19.22
N GLY B 162 -7.86 -25.13 -19.22
CA GLY B 162 -7.05 -25.32 -18.02
C GLY B 162 -6.24 -26.60 -17.95
N SER B 163 -6.60 -27.60 -18.75
CA SER B 163 -5.88 -28.87 -18.74
C SER B 163 -4.43 -28.67 -19.20
N LEU B 164 -4.20 -27.60 -19.95
CA LEU B 164 -2.88 -27.27 -20.44
C LEU B 164 -2.45 -26.09 -19.58
N SER B 165 -1.74 -26.37 -18.49
CA SER B 165 -1.32 -25.32 -17.57
C SER B 165 0.19 -25.17 -17.45
N SER B 166 0.92 -26.23 -17.76
CA SER B 166 2.37 -26.19 -17.70
C SER B 166 2.90 -25.60 -19.00
N GLY B 167 3.98 -24.82 -18.91
CA GLY B 167 4.58 -24.23 -20.10
C GLY B 167 3.83 -23.02 -20.61
N VAL B 168 3.07 -22.38 -19.71
CA VAL B 168 2.31 -21.19 -20.09
C VAL B 168 2.90 -19.90 -19.51
N HIS B 169 2.87 -18.84 -20.31
CA HIS B 169 3.33 -17.52 -19.88
C HIS B 169 2.27 -16.53 -20.35
N THR B 170 1.58 -15.88 -19.41
CA THR B 170 0.57 -14.88 -19.74
C THR B 170 1.18 -13.56 -19.25
N PHE B 171 1.48 -12.69 -20.19
CA PHE B 171 2.14 -11.42 -19.91
C PHE B 171 1.25 -10.35 -19.33
N PRO B 172 1.84 -9.43 -18.55
CA PRO B 172 1.08 -8.33 -17.95
C PRO B 172 0.51 -7.48 -19.07
N ALA B 173 -0.68 -6.93 -18.86
CA ALA B 173 -1.30 -6.09 -19.86
C ALA B 173 -0.67 -4.70 -19.89
N VAL B 174 -0.76 -4.06 -21.06
CA VAL B 174 -0.23 -2.71 -21.23
C VAL B 174 -1.32 -1.88 -21.90
N LEU B 175 -1.31 -0.57 -21.65
CA LEU B 175 -2.28 0.33 -22.27
C LEU B 175 -1.75 0.85 -23.59
N GLN B 176 -2.48 0.59 -24.66
CA GLN B 176 -2.08 1.03 -26.00
C GLN B 176 -2.53 2.46 -26.26
N SER B 177 -3.78 2.74 -25.90
CA SER B 177 -4.38 4.06 -26.07
C SER B 177 -5.71 3.99 -25.35
N ASP B 178 -5.63 3.83 -24.03
CA ASP B 178 -6.80 3.74 -23.17
C ASP B 178 -7.43 2.34 -23.14
N LEU B 179 -6.89 1.43 -23.95
CA LEU B 179 -7.37 0.05 -23.98
C LEU B 179 -6.20 -0.89 -23.69
N TYR B 180 -6.48 -2.02 -23.05
CA TYR B 180 -5.43 -2.97 -22.69
C TYR B 180 -5.21 -4.06 -23.73
N THR B 181 -4.00 -4.61 -23.73
CA THR B 181 -3.63 -5.70 -24.63
C THR B 181 -2.59 -6.55 -23.94
N LEU B 182 -2.65 -7.85 -24.21
CA LEU B 182 -1.68 -8.77 -23.65
C LEU B 182 -1.68 -9.99 -24.54
N SER B 183 -0.70 -10.86 -24.32
CA SER B 183 -0.61 -12.09 -25.06
C SER B 183 -0.25 -13.17 -24.07
N SER B 184 -0.48 -14.42 -24.46
CA SER B 184 -0.17 -15.57 -23.63
C SER B 184 0.50 -16.56 -24.57
N SER B 185 1.56 -17.21 -24.13
CA SER B 185 2.22 -18.19 -24.97
C SER B 185 2.16 -19.52 -24.24
N VAL B 186 2.16 -20.60 -25.00
CA VAL B 186 2.16 -21.93 -24.40
C VAL B 186 3.16 -22.74 -25.21
N THR B 187 3.99 -23.50 -24.52
CA THR B 187 4.98 -24.33 -25.21
C THR B 187 4.65 -25.77 -24.91
N VAL B 188 4.50 -26.56 -25.97
CA VAL B 188 4.16 -27.97 -25.82
C VAL B 188 5.09 -28.82 -26.67
N PRO B 189 5.20 -30.12 -26.34
CA PRO B 189 6.06 -31.03 -27.10
C PRO B 189 5.64 -31.04 -28.56
N SER B 190 6.60 -31.22 -29.45
CA SER B 190 6.34 -31.25 -30.88
C SER B 190 5.33 -32.36 -31.24
N SER B 191 5.21 -33.36 -30.38
CA SER B 191 4.29 -34.47 -30.62
C SER B 191 2.86 -34.07 -30.30
N THR B 192 2.70 -32.99 -29.54
CA THR B 192 1.38 -32.54 -29.14
C THR B 192 0.65 -31.70 -30.18
N TRP B 193 1.34 -30.73 -30.78
CA TRP B 193 0.72 -29.86 -31.78
C TRP B 193 1.59 -29.87 -33.04
N PRO B 194 0.97 -29.81 -34.23
CA PRO B 194 -0.46 -29.72 -34.54
C PRO B 194 -1.28 -31.01 -34.49
N SER B 195 -0.69 -32.12 -34.02
CA SER B 195 -1.42 -33.38 -33.96
C SER B 195 -2.72 -33.27 -33.16
N GLU B 196 -2.62 -32.67 -31.98
CA GLU B 196 -3.74 -32.50 -31.07
C GLU B 196 -4.21 -31.05 -31.04
N THR B 197 -5.50 -30.86 -30.76
CA THR B 197 -6.09 -29.53 -30.72
C THR B 197 -5.58 -28.72 -29.53
N VAL B 198 -5.25 -27.45 -29.79
CA VAL B 198 -4.79 -26.55 -28.74
C VAL B 198 -5.66 -25.30 -28.86
N THR B 199 -6.35 -24.98 -27.77
CA THR B 199 -7.28 -23.85 -27.75
C THR B 199 -7.02 -22.90 -26.59
N CYS B 200 -7.05 -21.62 -26.90
CA CYS B 200 -6.87 -20.56 -25.92
C CYS B 200 -8.27 -20.12 -25.49
N ASN B 201 -8.49 -20.04 -24.19
CA ASN B 201 -9.80 -19.63 -23.67
C ASN B 201 -9.63 -18.29 -22.99
N VAL B 202 -10.38 -17.30 -23.45
CA VAL B 202 -10.28 -15.96 -22.89
C VAL B 202 -11.59 -15.48 -22.30
N ALA B 203 -11.55 -15.11 -21.02
CA ALA B 203 -12.73 -14.62 -20.33
C ALA B 203 -12.53 -13.15 -19.91
N HIS B 204 -13.54 -12.33 -20.17
CA HIS B 204 -13.51 -10.92 -19.81
C HIS B 204 -14.82 -10.71 -19.06
N PRO B 205 -14.80 -10.89 -17.73
CA PRO B 205 -15.99 -10.75 -16.89
C PRO B 205 -16.75 -9.43 -17.05
N ALA B 206 -16.04 -8.32 -17.11
CA ALA B 206 -16.68 -7.01 -17.25
C ALA B 206 -17.63 -6.89 -18.43
N SER B 207 -17.34 -7.59 -19.52
CA SER B 207 -18.20 -7.54 -20.70
C SER B 207 -18.97 -8.85 -20.87
N SER B 208 -18.85 -9.73 -19.88
CA SER B 208 -19.54 -11.03 -19.92
C SER B 208 -19.15 -11.75 -21.20
N THR B 209 -17.87 -11.65 -21.56
CA THR B 209 -17.36 -12.28 -22.77
C THR B 209 -16.52 -13.52 -22.46
N LYS B 210 -16.70 -14.56 -23.27
CA LYS B 210 -15.95 -15.79 -23.13
C LYS B 210 -15.70 -16.30 -24.55
N VAL B 211 -14.43 -16.32 -24.95
CA VAL B 211 -14.09 -16.77 -26.29
C VAL B 211 -13.03 -17.85 -26.32
N ASP B 212 -13.18 -18.77 -27.25
CA ASP B 212 -12.20 -19.84 -27.41
C ASP B 212 -11.62 -19.69 -28.81
N LYS B 213 -10.30 -19.78 -28.91
CA LYS B 213 -9.66 -19.65 -30.20
C LYS B 213 -8.72 -20.82 -30.44
N LYS B 214 -9.00 -21.59 -31.48
CA LYS B 214 -8.20 -22.75 -31.82
C LYS B 214 -6.94 -22.30 -32.57
N ILE B 215 -5.78 -22.83 -32.17
CA ILE B 215 -4.55 -22.48 -32.86
C ILE B 215 -4.45 -23.40 -34.07
N VAL B 216 -4.59 -22.84 -35.26
CA VAL B 216 -4.55 -23.61 -36.50
C VAL B 216 -3.28 -23.44 -37.33
N PRO B 217 -2.72 -24.56 -37.82
CA PRO B 217 -1.49 -24.50 -38.64
C PRO B 217 -1.82 -23.80 -39.96
N ARG B 218 -1.24 -22.62 -40.14
CA ARG B 218 -1.42 -21.80 -41.34
C ARG B 218 -2.24 -22.51 -42.43
N ASP B 219 -3.55 -22.61 -42.18
CA ASP B 219 -4.56 -23.24 -43.06
C ASP B 219 -4.16 -23.81 -44.40
N CYS B 220 -4.84 -24.89 -44.81
CA CYS B 220 -4.60 -25.54 -46.08
C CYS B 220 -5.43 -24.86 -47.16
N GLY B 221 -6.49 -24.17 -46.73
CA GLY B 221 -7.35 -23.49 -47.69
C GLY B 221 -8.53 -24.34 -48.14
N ASP C 1 -0.12 35.90 58.00
CA ASP C 1 -1.22 36.71 57.38
C ASP C 1 -2.02 35.81 56.44
N VAL C 2 -2.74 34.86 57.02
CA VAL C 2 -3.56 33.92 56.27
C VAL C 2 -4.91 34.48 55.83
N MET C 3 -5.03 34.75 54.53
CA MET C 3 -6.28 35.26 53.97
C MET C 3 -7.24 34.07 53.91
N GLU C 4 -7.83 33.76 55.07
CA GLU C 4 -8.77 32.65 55.19
C GLU C 4 -10.16 33.22 55.44
N HIS C 5 -10.41 34.37 54.83
CA HIS C 5 -11.67 35.09 54.92
C HIS C 5 -12.79 34.14 54.49
N PRO C 6 -13.96 34.20 55.15
CA PRO C 6 -15.08 33.32 54.80
C PRO C 6 -15.44 33.41 53.31
N LEU C 7 -15.05 34.51 52.68
CA LEU C 7 -15.31 34.73 51.26
C LEU C 7 -14.41 33.80 50.45
N VAL C 8 -13.32 33.34 51.07
CA VAL C 8 -12.38 32.44 50.43
C VAL C 8 -12.83 31.01 50.67
N GLU C 9 -13.25 30.73 51.91
CA GLU C 9 -13.72 29.41 52.27
C GLU C 9 -14.90 29.05 51.37
N LEU C 10 -15.71 30.06 51.07
CA LEU C 10 -16.88 29.89 50.22
C LEU C 10 -16.42 29.52 48.81
N GLY C 11 -15.45 30.27 48.29
CA GLY C 11 -14.93 30.03 46.96
C GLY C 11 -14.23 28.69 46.79
N VAL C 12 -13.38 28.32 47.74
CA VAL C 12 -12.66 27.05 47.67
C VAL C 12 -13.64 25.89 47.60
N SER C 13 -14.70 25.96 48.39
CA SER C 13 -15.70 24.89 48.41
C SER C 13 -16.47 24.94 47.10
N TYR C 14 -16.82 26.14 46.66
CA TYR C 14 -17.57 26.34 45.44
C TYR C 14 -16.75 25.97 44.19
N ALA C 15 -15.42 25.94 44.35
CA ALA C 15 -14.55 25.59 43.23
C ALA C 15 -14.52 24.08 43.06
N ALA C 16 -14.63 23.36 44.18
CA ALA C 16 -14.62 21.91 44.13
C ALA C 16 -15.80 21.38 43.32
N LEU C 17 -16.93 22.08 43.39
CA LEU C 17 -18.12 21.64 42.65
C LEU C 17 -17.97 21.97 41.18
N LEU C 18 -17.55 23.20 40.90
CA LEU C 18 -17.37 23.65 39.53
C LEU C 18 -16.32 22.82 38.79
N SER C 19 -15.29 22.39 39.50
CA SER C 19 -14.23 21.60 38.88
C SER C 19 -14.79 20.29 38.30
N VAL C 20 -15.79 19.74 38.98
CA VAL C 20 -16.43 18.51 38.52
C VAL C 20 -17.31 18.84 37.32
N ILE C 21 -17.99 19.98 37.38
CA ILE C 21 -18.86 20.41 36.30
C ILE C 21 -18.04 20.54 35.01
N VAL C 22 -16.77 20.94 35.18
CA VAL C 22 -15.86 21.09 34.04
C VAL C 22 -15.78 19.78 33.27
N VAL C 23 -15.41 18.71 33.97
CA VAL C 23 -15.27 17.40 33.36
C VAL C 23 -16.56 16.95 32.66
N VAL C 24 -17.71 17.24 33.29
CA VAL C 24 -18.99 16.85 32.71
C VAL C 24 -19.23 17.60 31.40
N VAL C 25 -18.96 18.91 31.40
CA VAL C 25 -19.14 19.73 30.21
C VAL C 25 -18.21 19.25 29.10
N GLU C 26 -17.00 18.86 29.48
CA GLU C 26 -16.01 18.39 28.52
C GLU C 26 -16.47 17.06 27.91
N TYR C 27 -17.07 16.22 28.73
CA TYR C 27 -17.56 14.92 28.29
C TYR C 27 -18.87 15.01 27.52
N THR C 28 -19.82 15.78 28.04
CA THR C 28 -21.13 15.93 27.40
C THR C 28 -21.09 16.86 26.18
N MET C 29 -20.94 18.15 26.43
CA MET C 29 -20.90 19.15 25.36
C MET C 29 -19.78 18.86 24.37
N GLN C 30 -20.11 18.95 23.08
CA GLN C 30 -19.13 18.71 22.03
C GLN C 30 -18.43 20.02 21.65
N LEU C 31 -17.77 20.63 22.63
CA LEU C 31 -17.07 21.89 22.41
C LEU C 31 -15.91 21.70 21.44
N SER C 32 -15.72 22.69 20.56
CA SER C 32 -14.66 22.63 19.55
C SER C 32 -13.39 23.36 19.96
N GLY C 33 -13.32 24.64 19.61
CA GLY C 33 -12.13 25.41 19.94
C GLY C 33 -12.34 26.62 20.82
N GLU C 34 -12.80 27.72 20.23
CA GLU C 34 -13.03 28.96 20.97
C GLU C 34 -13.75 28.72 22.30
N TYR C 35 -14.88 28.03 22.24
CA TYR C 35 -15.67 27.73 23.42
C TYR C 35 -14.99 26.67 24.28
N LEU C 36 -14.20 25.81 23.63
CA LEU C 36 -13.50 24.75 24.33
C LEU C 36 -12.32 25.35 25.11
N VAL C 37 -11.66 26.34 24.51
CA VAL C 37 -10.53 26.99 25.14
C VAL C 37 -10.98 27.74 26.39
N ARG C 38 -12.15 28.36 26.32
CA ARG C 38 -12.68 29.11 27.45
C ARG C 38 -12.95 28.15 28.61
N LEU C 39 -13.42 26.95 28.28
CA LEU C 39 -13.71 25.95 29.30
C LEU C 39 -12.43 25.62 30.06
N TYR C 40 -11.36 25.34 29.31
CA TYR C 40 -10.08 25.00 29.91
C TYR C 40 -9.45 26.13 30.72
N LEU C 41 -9.77 27.38 30.36
CA LEU C 41 -9.24 28.52 31.09
C LEU C 41 -9.94 28.56 32.45
N VAL C 42 -11.24 28.33 32.43
CA VAL C 42 -12.03 28.32 33.65
C VAL C 42 -11.49 27.22 34.56
N ASP C 43 -11.27 26.05 33.98
CA ASP C 43 -10.75 24.91 34.73
C ASP C 43 -9.37 25.22 35.33
N LEU C 44 -8.55 25.92 34.55
CA LEU C 44 -7.20 26.26 35.01
C LEU C 44 -7.26 27.17 36.23
N ILE C 45 -8.14 28.16 36.19
CA ILE C 45 -8.30 29.09 37.32
C ILE C 45 -8.79 28.32 38.54
N LEU C 46 -9.76 27.44 38.32
CA LEU C 46 -10.32 26.62 39.39
C LEU C 46 -9.28 25.72 40.04
N VAL C 47 -8.44 25.08 39.22
CA VAL C 47 -7.43 24.19 39.75
C VAL C 47 -6.39 24.96 40.57
N ILE C 48 -6.12 26.20 40.17
CA ILE C 48 -5.16 27.01 40.90
C ILE C 48 -5.77 27.38 42.26
N ILE C 49 -7.04 27.75 42.25
CA ILE C 49 -7.72 28.09 43.49
C ILE C 49 -7.58 26.91 44.43
N LEU C 50 -7.90 25.72 43.94
CA LEU C 50 -7.81 24.50 44.72
C LEU C 50 -6.36 24.12 44.98
N TRP C 51 -5.47 24.61 44.12
CA TRP C 51 -4.04 24.35 44.24
C TRP C 51 -3.58 24.98 45.55
N ALA C 52 -3.97 26.24 45.76
CA ALA C 52 -3.61 26.98 46.95
C ALA C 52 -4.11 26.29 48.22
N ASP C 53 -5.42 26.13 48.31
CA ASP C 53 -6.05 25.49 49.47
C ASP C 53 -5.31 24.24 49.92
N TYR C 54 -4.95 23.38 48.97
CA TYR C 54 -4.26 22.13 49.28
C TYR C 54 -2.87 22.37 49.84
N ALA C 55 -2.14 23.30 49.24
CA ALA C 55 -0.79 23.61 49.70
C ALA C 55 -0.87 24.19 51.10
N TYR C 56 -1.96 24.89 51.38
CA TYR C 56 -2.16 25.50 52.69
C TYR C 56 -2.34 24.43 53.77
N ARG C 57 -3.31 23.54 53.58
CA ARG C 57 -3.54 22.49 54.57
C ARG C 57 -2.27 21.67 54.76
N ALA C 58 -1.45 21.64 53.71
CA ALA C 58 -0.20 20.88 53.75
C ALA C 58 0.81 21.50 54.69
N TYR C 59 1.03 22.80 54.55
CA TYR C 59 1.97 23.52 55.40
C TYR C 59 1.69 23.42 56.89
N LYS C 60 0.43 23.65 57.27
CA LYS C 60 0.06 23.61 58.67
C LYS C 60 0.06 22.20 59.24
N SER C 61 -0.87 21.38 58.77
CA SER C 61 -0.97 20.00 59.24
C SER C 61 0.38 19.27 59.29
N GLY C 62 0.99 19.23 60.47
CA GLY C 62 2.26 18.55 60.67
C GLY C 62 3.31 18.94 59.66
N ASP C 63 3.22 20.19 59.22
CA ASP C 63 4.13 20.76 58.25
C ASP C 63 3.93 20.08 56.91
N PRO C 64 4.48 20.66 55.83
CA PRO C 64 4.37 20.12 54.46
C PRO C 64 4.62 18.62 54.36
N ALA C 65 5.60 18.26 53.52
CA ALA C 65 6.02 16.88 53.27
C ALA C 65 5.06 15.81 53.79
N GLY C 66 5.15 15.54 55.09
CA GLY C 66 4.32 14.55 55.74
C GLY C 66 2.86 14.48 55.32
N TYR C 67 2.24 15.64 55.20
CA TYR C 67 0.83 15.73 54.81
C TYR C 67 0.60 15.17 53.41
N VAL C 68 1.27 15.77 52.44
CA VAL C 68 1.13 15.36 51.04
C VAL C 68 1.16 13.86 50.82
N LYS C 69 2.11 13.18 51.46
CA LYS C 69 2.25 11.73 51.31
C LYS C 69 1.00 10.97 51.74
N LYS C 70 0.13 11.63 52.48
CA LYS C 70 -1.11 11.00 52.94
C LYS C 70 -2.27 11.39 52.03
N THR C 71 -2.13 12.54 51.38
CA THR C 71 -3.17 13.04 50.48
C THR C 71 -2.74 13.08 49.02
N LEU C 72 -2.21 11.96 48.52
CA LEU C 72 -1.77 11.87 47.14
C LEU C 72 -2.96 11.71 46.21
N TYR C 73 -3.98 11.01 46.68
CA TYR C 73 -5.19 10.78 45.91
C TYR C 73 -5.87 12.10 45.53
N GLU C 74 -5.37 13.19 46.07
CA GLU C 74 -5.94 14.51 45.82
C GLU C 74 -5.17 15.23 44.73
N ILE C 75 -3.99 14.71 44.39
CA ILE C 75 -3.13 15.33 43.38
C ILE C 75 -3.71 15.29 41.96
N PRO C 76 -4.18 14.11 41.50
CA PRO C 76 -4.74 13.96 40.16
C PRO C 76 -5.81 14.99 39.79
N ALA C 77 -6.65 15.34 40.77
CA ALA C 77 -7.72 16.30 40.52
C ALA C 77 -7.14 17.69 40.26
N LEU C 78 -5.98 17.96 40.83
CA LEU C 78 -5.32 19.25 40.70
C LEU C 78 -4.58 19.42 39.38
N VAL C 79 -4.81 18.52 38.43
CA VAL C 79 -4.17 18.63 37.13
C VAL C 79 -5.16 19.26 36.15
N PRO C 80 -4.79 20.42 35.57
CA PRO C 80 -5.69 21.09 34.63
C PRO C 80 -6.07 20.20 33.45
N ALA C 81 -7.38 20.02 33.25
CA ALA C 81 -7.90 19.18 32.17
C ALA C 81 -7.37 19.60 30.81
N GLY C 82 -7.21 20.91 30.62
CA GLY C 82 -6.71 21.41 29.35
C GLY C 82 -5.28 20.97 29.10
N LEU C 83 -4.55 20.71 30.18
CA LEU C 83 -3.16 20.28 30.08
C LEU C 83 -3.09 18.85 29.57
N LEU C 84 -4.02 18.00 30.02
CA LEU C 84 -4.05 16.60 29.58
C LEU C 84 -4.48 16.52 28.12
N ALA C 85 -5.46 17.33 27.75
CA ALA C 85 -5.96 17.35 26.38
C ALA C 85 -4.83 17.77 25.44
N LEU C 86 -4.13 18.82 25.85
CA LEU C 86 -3.02 19.34 25.07
C LEU C 86 -1.98 18.24 24.87
N ILE C 87 -1.65 17.56 25.96
CA ILE C 87 -0.68 16.47 25.93
C ILE C 87 -1.13 15.28 25.07
N GLU C 88 -2.39 14.86 25.25
CA GLU C 88 -2.89 13.74 24.48
C GLU C 88 -2.80 14.00 22.98
N GLY C 89 -3.18 15.20 22.56
CA GLY C 89 -3.12 15.54 21.15
C GLY C 89 -1.70 15.46 20.62
N HIS C 90 -0.76 16.00 21.39
CA HIS C 90 0.64 16.00 21.00
C HIS C 90 1.17 14.58 20.92
N LEU C 91 0.74 13.73 21.85
CA LEU C 91 1.17 12.33 21.87
C LEU C 91 0.61 11.55 20.68
N ALA C 92 -0.66 11.77 20.37
CA ALA C 92 -1.30 11.07 19.26
C ALA C 92 -0.68 11.51 17.94
N GLY C 93 -0.33 12.79 17.85
CA GLY C 93 0.26 13.32 16.63
C GLY C 93 1.62 12.69 16.34
N LEU C 94 2.27 12.21 17.40
CA LEU C 94 3.57 11.57 17.27
C LEU C 94 3.43 10.05 17.21
N GLY C 95 2.19 9.58 17.21
CA GLY C 95 1.97 8.14 17.16
C GLY C 95 2.39 7.41 18.41
N LEU C 96 2.50 8.13 19.52
CA LEU C 96 2.88 7.51 20.79
C LEU C 96 1.61 6.99 21.47
N PHE C 97 0.92 6.09 20.77
CA PHE C 97 -0.34 5.51 21.21
C PHE C 97 -0.30 4.72 22.52
N ARG C 98 0.85 4.13 22.82
CA ARG C 98 0.96 3.38 24.06
C ARG C 98 0.84 4.38 25.21
N LEU C 99 1.48 5.54 25.05
CA LEU C 99 1.43 6.58 26.07
C LEU C 99 0.03 7.20 26.14
N VAL C 100 -0.61 7.35 24.97
CA VAL C 100 -1.94 7.92 24.93
C VAL C 100 -2.82 7.10 25.87
N ARG C 101 -2.60 5.78 25.86
CA ARG C 101 -3.35 4.88 26.73
C ARG C 101 -3.19 5.29 28.19
N LEU C 102 -1.95 5.38 28.64
CA LEU C 102 -1.67 5.76 30.03
C LEU C 102 -2.24 7.14 30.37
N LEU C 103 -2.09 8.09 29.45
CA LEU C 103 -2.61 9.43 29.66
C LEU C 103 -4.12 9.33 29.87
N ARG C 104 -4.72 8.35 29.18
CA ARG C 104 -6.16 8.12 29.26
C ARG C 104 -6.50 7.78 30.71
N PHE C 105 -5.71 6.87 31.28
CA PHE C 105 -5.90 6.43 32.65
C PHE C 105 -5.71 7.57 33.63
N LEU C 106 -4.73 8.42 33.37
CA LEU C 106 -4.46 9.56 34.24
C LEU C 106 -5.68 10.45 34.27
N ARG C 107 -6.41 10.50 33.17
CA ARG C 107 -7.61 11.31 33.07
C ARG C 107 -8.70 10.69 33.94
N ILE C 108 -8.73 9.36 33.99
CA ILE C 108 -9.71 8.65 34.80
C ILE C 108 -9.47 8.97 36.27
N LEU C 109 -8.20 8.97 36.65
CA LEU C 109 -7.81 9.27 38.03
C LEU C 109 -8.19 10.70 38.38
N LEU C 110 -8.06 11.60 37.41
CA LEU C 110 -8.40 12.99 37.61
C LEU C 110 -9.89 13.14 37.92
N ILE C 111 -10.71 12.38 37.19
CA ILE C 111 -12.15 12.42 37.38
C ILE C 111 -12.55 11.86 38.74
N ILE C 112 -11.95 10.73 39.11
CA ILE C 112 -12.25 10.11 40.39
C ILE C 112 -11.78 11.02 41.53
N SER C 113 -10.61 11.61 41.36
CA SER C 113 -10.05 12.50 42.36
C SER C 113 -10.93 13.72 42.61
N ARG C 114 -11.48 14.29 41.54
CA ARG C 114 -12.34 15.45 41.68
C ARG C 114 -13.69 15.04 42.27
N GLY C 115 -14.14 13.84 41.91
CA GLY C 115 -15.41 13.36 42.43
C GLY C 115 -15.29 13.19 43.94
N SER C 116 -14.12 12.73 44.37
CA SER C 116 -13.84 12.53 45.78
C SER C 116 -13.94 13.87 46.51
N LYS C 117 -13.28 14.88 45.97
CA LYS C 117 -13.30 16.21 46.56
C LYS C 117 -14.70 16.82 46.45
N PHE C 118 -15.44 16.39 45.44
CA PHE C 118 -16.79 16.88 45.24
C PHE C 118 -17.62 16.51 46.45
N LEU C 119 -17.61 15.22 46.78
CA LEU C 119 -18.36 14.71 47.92
C LEU C 119 -17.97 15.39 49.23
N SER C 120 -16.68 15.64 49.42
CA SER C 120 -16.22 16.29 50.64
C SER C 120 -16.84 17.67 50.73
N ALA C 121 -16.84 18.40 49.61
CA ALA C 121 -17.41 19.74 49.57
C ALA C 121 -18.87 19.73 50.02
N ILE C 122 -19.69 18.89 49.40
CA ILE C 122 -21.10 18.78 49.76
C ILE C 122 -21.27 18.47 51.25
N ALA C 123 -20.53 17.46 51.72
CA ALA C 123 -20.61 17.08 53.13
C ALA C 123 -20.27 18.25 54.04
N ASP C 124 -19.26 19.02 53.66
CA ASP C 124 -18.85 20.18 54.44
C ASP C 124 -19.91 21.27 54.41
N ALA C 125 -20.53 21.46 53.25
CA ALA C 125 -21.58 22.47 53.09
C ALA C 125 -22.79 22.12 53.95
N ALA C 126 -23.08 20.82 54.04
CA ALA C 126 -24.21 20.35 54.83
C ALA C 126 -23.96 20.66 56.30
N ASP C 127 -22.71 20.59 56.72
CA ASP C 127 -22.34 20.86 58.10
C ASP C 127 -22.50 22.33 58.47
N LYS C 128 -22.04 23.22 57.62
CA LYS C 128 -22.15 24.66 57.87
C LYS C 128 -23.60 25.14 57.94
N LEU C 129 -24.48 24.48 57.19
CA LEU C 129 -25.90 24.84 57.16
C LEU C 129 -26.67 24.17 58.30
N VAL C 130 -26.59 22.84 58.35
CA VAL C 130 -27.27 22.08 59.40
C VAL C 130 -26.19 21.27 60.12
N PRO C 131 -25.48 21.90 61.07
CA PRO C 131 -24.41 21.30 61.86
C PRO C 131 -24.74 19.96 62.50
N ARG C 132 -23.94 18.95 62.14
CA ARG C 132 -24.06 17.58 62.65
C ARG C 132 -23.32 16.62 61.74
#